data_4PTT
#
_entry.id   4PTT
#
_cell.length_a   132.140
_cell.length_b   48.760
_cell.length_c   80.000
_cell.angle_alpha   90.00
_cell.angle_beta   120.82
_cell.angle_gamma   90.00
#
_symmetry.space_group_name_H-M   'C 1 2 1'
#
loop_
_entity.id
_entity.type
_entity.pdbx_description
1 polymer 'Antibody pn132p2C05, light chain'
2 polymer 'Antibody pn132p2C05, heavy chain'
3 non-polymer 'ACETATE ION'
4 non-polymer GLYCEROL
5 water water
#
loop_
_entity_poly.entity_id
_entity_poly.type
_entity_poly.pdbx_seq_one_letter_code
_entity_poly.pdbx_strand_id
1 'polypeptide(L)'
;MEIVLTQSPATLSLSPGERGTLSCRASQSVGTYLAWYQHKPGQAPRPLIYDASRRATGIPARFSGSGSGTDFTLTISGLE
PEDVAVYYCQHRDSWPPGATFGGGTKVEIKRTVAAPSVFIFPPSDEQLKSGTASVVCLLNNFYPREAKVQWKVDNALQSG
NSQESVTEQDSKDSTYSLSSTLTLSKADYEKHKVYACEVTHQGLSSPVTKSFNRGEC
;
A
2 'polypeptide(L)'
;MAQLVESGGGVVQPGRSLTLSCAASGFTFSSHGMHWVRQAPGKGLEWVAVIASHGNVNYYADSVKGRFTISRDNSKNTLS
LQMDSLRAEDTAVYYCAKESDSCGGDCSRFAFDVWGHGTMVTVSSASTKGPSVFPLAPSSKSTSGGTAALGCLVKDYFPE
PVTVSWNSGALTSGVHTFPAVLQSSGLYSLSSVVTVPSSSLGTQTYICNVNHKPSNTKVDKRVEPKSCDKTHTNG
;
B
#
loop_
_chem_comp.id
_chem_comp.type
_chem_comp.name
_chem_comp.formula
ACT non-polymer 'ACETATE ION' 'C2 H3 O2 -1'
GOL non-polymer GLYCEROL 'C3 H8 O3'
#
# COMPACT_ATOMS: atom_id res chain seq x y z
N GLU A 2 -23.40 -7.46 10.25
CA GLU A 2 -24.60 -7.97 9.60
C GLU A 2 -24.84 -7.31 8.24
N ILE A 3 -24.32 -6.09 8.06
CA ILE A 3 -24.37 -5.46 6.75
C ILE A 3 -23.05 -5.71 6.04
N VAL A 4 -23.11 -6.19 4.81
CA VAL A 4 -21.92 -6.33 4.00
C VAL A 4 -22.09 -5.50 2.74
N LEU A 5 -21.04 -4.77 2.38
CA LEU A 5 -21.04 -3.97 1.16
C LEU A 5 -20.10 -4.60 0.15
N THR A 6 -20.63 -4.95 -1.02
CA THR A 6 -19.82 -5.59 -2.05
C THR A 6 -19.56 -4.63 -3.20
N GLN A 7 -18.29 -4.30 -3.42
CA GLN A 7 -17.90 -3.41 -4.50
C GLN A 7 -17.41 -4.18 -5.72
N SER A 8 -17.72 -3.64 -6.89
CA SER A 8 -17.22 -4.17 -8.14
C SER A 8 -17.14 -3.03 -9.17
N PRO A 9 -16.23 -3.16 -10.15
CA PRO A 9 -15.23 -4.22 -10.27
C PRO A 9 -14.11 -4.02 -9.26
N ALA A 10 -13.29 -5.04 -9.05
CA ALA A 10 -12.16 -4.95 -8.14
C ALA A 10 -11.21 -3.84 -8.59
N THR A 11 -10.98 -3.78 -9.90
CA THR A 11 -10.17 -2.74 -10.50
C THR A 11 -10.94 -2.21 -11.70
N LEU A 12 -10.99 -0.88 -11.83
CA LEU A 12 -11.66 -0.26 -12.95
C LEU A 12 -10.62 0.50 -13.75
N SER A 13 -10.45 0.15 -15.02
CA SER A 13 -9.40 0.74 -15.84
C SER A 13 -9.99 1.70 -16.85
N LEU A 14 -9.63 2.98 -16.72
CA LEU A 14 -10.20 4.03 -17.54
C LEU A 14 -9.11 4.83 -18.25
N SER A 15 -9.24 5.00 -19.56
CA SER A 15 -8.40 5.93 -20.27
C SER A 15 -8.65 7.33 -19.73
N PRO A 16 -7.63 8.21 -19.79
CA PRO A 16 -7.90 9.60 -19.42
C PRO A 16 -9.09 10.12 -20.20
N GLY A 17 -10.04 10.76 -19.52
CA GLY A 17 -11.21 11.29 -20.18
C GLY A 17 -12.36 10.32 -20.30
N GLU A 18 -12.12 9.03 -20.02
CA GLU A 18 -13.16 8.02 -20.14
C GLU A 18 -14.13 8.01 -18.96
N ARG A 19 -15.41 7.81 -19.28
CA ARG A 19 -16.43 7.68 -18.25
C ARG A 19 -16.42 6.28 -17.62
N GLY A 20 -16.64 6.20 -16.31
CA GLY A 20 -16.62 4.92 -15.64
C GLY A 20 -17.62 4.88 -14.51
N THR A 21 -18.13 3.69 -14.21
CA THR A 21 -19.09 3.50 -13.12
C THR A 21 -18.58 2.46 -12.12
N LEU A 22 -18.68 2.81 -10.85
CA LEU A 22 -18.29 1.92 -9.74
C LEU A 22 -19.55 1.47 -9.03
N SER A 23 -19.63 0.18 -8.73
CA SER A 23 -20.81 -0.39 -8.07
C SER A 23 -20.57 -0.73 -6.61
N CYS A 24 -21.58 -0.50 -5.79
CA CYS A 24 -21.55 -0.90 -4.38
C CYS A 24 -22.91 -1.47 -4.05
N ARG A 25 -22.95 -2.73 -3.66
CA ARG A 25 -24.23 -3.36 -3.35
C ARG A 25 -24.25 -3.84 -1.90
N ALA A 26 -25.33 -3.49 -1.20
CA ALA A 26 -25.49 -3.85 0.20
C ALA A 26 -26.17 -5.21 0.32
N SER A 27 -25.85 -5.94 1.39
CA SER A 27 -26.44 -7.26 1.60
C SER A 27 -27.91 -7.19 2.01
N GLN A 28 -28.34 -6.02 2.47
CA GLN A 28 -29.76 -5.74 2.71
C GLN A 28 -29.94 -4.23 2.56
N SER A 29 -31.19 -3.76 2.50
CA SER A 29 -31.43 -2.35 2.25
C SER A 29 -30.80 -1.44 3.31
N VAL A 30 -30.15 -0.38 2.85
CA VAL A 30 -29.60 0.62 3.75
C VAL A 30 -30.16 2.00 3.42
N GLY A 31 -31.27 2.03 2.70
CA GLY A 31 -31.88 3.29 2.35
C GLY A 31 -30.97 4.14 1.51
N THR A 32 -30.68 5.36 1.99
CA THR A 32 -29.70 6.21 1.32
C THR A 32 -28.49 6.47 2.20
N TYR A 33 -28.32 5.66 3.24
CA TYR A 33 -27.19 5.79 4.16
C TYR A 33 -25.95 5.12 3.57
N LEU A 34 -25.40 5.75 2.54
CA LEU A 34 -24.28 5.18 1.83
C LEU A 34 -23.36 6.29 1.35
N ALA A 35 -22.11 6.24 1.81
CA ALA A 35 -21.14 7.28 1.48
C ALA A 35 -20.02 6.71 0.61
N TRP A 36 -19.31 7.59 -0.10
CA TRP A 36 -18.16 7.19 -0.92
C TRP A 36 -16.95 8.03 -0.53
N TYR A 37 -15.80 7.36 -0.43
CA TYR A 37 -14.52 8.03 -0.16
C TYR A 37 -13.50 7.69 -1.22
N GLN A 38 -12.60 8.64 -1.49
CA GLN A 38 -11.45 8.42 -2.34
C GLN A 38 -10.23 8.23 -1.44
N HIS A 39 -9.41 7.21 -1.71
CA HIS A 39 -8.23 7.03 -0.87
C HIS A 39 -6.97 6.78 -1.66
N LYS A 40 -5.97 7.61 -1.39
CA LYS A 40 -4.66 7.42 -1.98
C LYS A 40 -3.67 7.02 -0.89
N PRO A 41 -2.67 6.18 -1.24
CA PRO A 41 -1.67 5.75 -0.26
C PRO A 41 -1.01 6.93 0.43
N GLY A 42 -0.90 6.86 1.75
CA GLY A 42 -0.22 7.89 2.50
C GLY A 42 -1.02 9.11 2.88
N GLN A 43 -2.31 9.17 2.53
CA GLN A 43 -3.14 10.26 3.03
C GLN A 43 -4.51 9.79 3.50
N ALA A 44 -5.23 10.67 4.21
CA ALA A 44 -6.54 10.30 4.75
C ALA A 44 -7.54 10.08 3.62
N PRO A 45 -8.48 9.16 3.84
CA PRO A 45 -9.65 9.01 2.96
C PRO A 45 -10.30 10.35 2.76
N ARG A 46 -10.70 10.65 1.52
CA ARG A 46 -11.36 11.90 1.21
C ARG A 46 -12.83 11.68 0.89
N PRO A 47 -13.73 12.31 1.66
CA PRO A 47 -15.17 12.19 1.41
C PRO A 47 -15.52 12.69 0.02
N LEU A 48 -16.30 11.91 -0.72
CA LEU A 48 -16.74 12.32 -2.07
C LEU A 48 -18.23 12.58 -2.09
N ILE A 49 -18.95 11.60 -1.57
CA ILE A 49 -20.41 11.56 -1.65
C ILE A 49 -20.99 11.19 -0.28
N TYR A 50 -21.97 11.95 0.17
CA TYR A 50 -22.70 11.66 1.41
C TYR A 50 -24.14 11.27 1.09
N ASP A 51 -24.71 10.38 1.91
CA ASP A 51 -26.14 10.05 1.79
C ASP A 51 -26.54 9.73 0.33
N ALA A 52 -25.74 8.86 -0.28
CA ALA A 52 -25.95 8.28 -1.62
C ALA A 52 -25.71 9.20 -2.80
N SER A 53 -26.11 10.47 -2.71
CA SER A 53 -26.07 11.35 -3.88
C SER A 53 -25.56 12.76 -3.63
N ARG A 54 -25.34 13.14 -2.38
CA ARG A 54 -24.92 14.52 -2.09
C ARG A 54 -23.41 14.68 -2.16
N ARG A 55 -22.93 15.52 -3.08
CA ARG A 55 -21.49 15.79 -3.20
C ARG A 55 -20.95 16.48 -1.96
N ALA A 56 -19.77 16.03 -1.52
CA ALA A 56 -19.08 16.67 -0.39
C ALA A 56 -18.48 18.02 -0.82
N THR A 57 -18.19 18.87 0.17
CA THR A 57 -17.67 20.19 -0.10
C THR A 57 -16.43 20.14 -1.00
N GLY A 58 -16.47 20.89 -2.09
CA GLY A 58 -15.30 21.03 -2.95
C GLY A 58 -15.04 19.90 -3.92
N ILE A 59 -15.96 18.95 -4.00
CA ILE A 59 -15.81 17.80 -4.88
C ILE A 59 -16.30 18.19 -6.27
N PRO A 60 -15.46 17.98 -7.30
CA PRO A 60 -15.84 18.38 -8.67
C PRO A 60 -17.06 17.62 -9.17
N ALA A 61 -17.83 18.26 -10.06
CA ALA A 61 -19.08 17.69 -10.53
C ALA A 61 -18.90 16.39 -11.34
N ARG A 62 -17.66 16.05 -11.70
CA ARG A 62 -17.49 14.84 -12.49
C ARG A 62 -17.72 13.59 -11.64
N PHE A 63 -17.71 13.75 -10.32
CA PHE A 63 -18.14 12.69 -9.40
C PHE A 63 -19.63 12.81 -9.09
N SER A 64 -20.38 11.73 -9.32
CA SER A 64 -21.80 11.73 -8.97
C SER A 64 -22.20 10.39 -8.34
N GLY A 65 -23.01 10.46 -7.29
CA GLY A 65 -23.50 9.26 -6.63
C GLY A 65 -24.97 9.04 -6.91
N SER A 66 -25.39 7.78 -6.98
CA SER A 66 -26.80 7.48 -7.15
C SER A 66 -27.16 6.17 -6.49
N GLY A 67 -28.46 5.98 -6.29
CA GLY A 67 -28.95 4.71 -5.80
C GLY A 67 -29.63 4.83 -4.46
N SER A 68 -30.35 3.76 -4.11
CA SER A 68 -31.02 3.64 -2.84
C SER A 68 -31.37 2.18 -2.62
N GLY A 69 -31.52 1.78 -1.37
CA GLY A 69 -31.84 0.40 -1.07
C GLY A 69 -30.59 -0.45 -0.99
N THR A 70 -30.36 -1.26 -2.01
CA THR A 70 -29.19 -2.13 -2.02
C THR A 70 -28.17 -1.79 -3.09
N ASP A 71 -28.58 -1.13 -4.17
CA ASP A 71 -27.69 -0.95 -5.32
C ASP A 71 -27.27 0.51 -5.48
N PHE A 72 -25.98 0.76 -5.39
CA PHE A 72 -25.45 2.13 -5.46
C PHE A 72 -24.37 2.22 -6.51
N THR A 73 -24.19 3.40 -7.08
CA THR A 73 -23.15 3.61 -8.08
C THR A 73 -22.45 4.96 -7.86
N LEU A 74 -21.16 4.96 -8.14
CA LEU A 74 -20.38 6.18 -8.22
C LEU A 74 -19.93 6.32 -9.67
N THR A 75 -20.27 7.45 -10.29
CA THR A 75 -19.89 7.67 -11.67
C THR A 75 -18.79 8.73 -11.73
N ILE A 76 -17.75 8.46 -12.51
CA ILE A 76 -16.73 9.44 -12.86
C ILE A 76 -16.95 9.79 -14.32
N SER A 77 -17.37 11.01 -14.62
CA SER A 77 -17.81 11.28 -15.99
C SER A 77 -16.65 11.25 -17.00
N GLY A 78 -15.42 11.37 -16.52
CA GLY A 78 -14.24 11.35 -17.35
C GLY A 78 -13.00 11.38 -16.47
N LEU A 79 -12.23 10.31 -16.49
CA LEU A 79 -11.08 10.21 -15.58
C LEU A 79 -10.07 11.32 -15.82
N GLU A 80 -9.68 11.99 -14.74
CA GLU A 80 -8.50 12.85 -14.73
C GLU A 80 -7.41 12.10 -13.98
N PRO A 81 -6.13 12.39 -14.30
CA PRO A 81 -5.04 11.61 -13.71
C PRO A 81 -5.05 11.56 -12.18
N GLU A 82 -5.46 12.65 -11.53
CA GLU A 82 -5.50 12.69 -10.05
C GLU A 82 -6.66 11.88 -9.46
N ASP A 83 -7.49 11.30 -10.31
CA ASP A 83 -8.58 10.45 -9.86
C ASP A 83 -8.13 9.02 -9.62
N VAL A 84 -6.89 8.70 -9.99
CA VAL A 84 -6.36 7.37 -9.72
C VAL A 84 -6.20 7.19 -8.22
N ALA A 85 -6.93 6.21 -7.69
CA ALA A 85 -7.09 6.01 -6.26
C ALA A 85 -7.94 4.78 -6.00
N VAL A 86 -8.07 4.39 -4.74
CA VAL A 86 -9.00 3.34 -4.36
C VAL A 86 -10.25 3.99 -3.77
N TYR A 87 -11.41 3.57 -4.25
CA TYR A 87 -12.69 4.16 -3.82
C TYR A 87 -13.44 3.16 -2.94
N TYR A 88 -13.94 3.65 -1.80
CA TYR A 88 -14.68 2.83 -0.83
C TYR A 88 -16.08 3.36 -0.64
N CYS A 89 -17.06 2.47 -0.58
CA CYS A 89 -18.36 2.87 -0.08
C CYS A 89 -18.45 2.53 1.41
N GLN A 90 -19.38 3.16 2.10
CA GLN A 90 -19.44 3.06 3.56
C GLN A 90 -20.88 3.24 4.04
N HIS A 91 -21.28 2.43 5.01
CA HIS A 91 -22.61 2.54 5.62
C HIS A 91 -22.47 2.69 7.12
N ARG A 92 -23.41 3.38 7.73
CA ARG A 92 -23.59 3.35 9.17
C ARG A 92 -25.04 3.68 9.47
N ASP A 93 -25.52 3.24 10.64
CA ASP A 93 -26.80 3.71 11.14
C ASP A 93 -26.64 4.00 12.62
N SER A 94 -27.72 4.45 13.28
CA SER A 94 -27.57 4.91 14.66
C SER A 94 -27.31 3.81 15.68
N TRP A 95 -28.01 2.68 15.56
CA TRP A 95 -27.88 1.62 16.55
C TRP A 95 -28.24 0.23 15.99
N PRO A 96 -27.30 -0.73 16.09
CA PRO A 96 -25.91 -0.56 16.57
C PRO A 96 -25.15 0.42 15.68
N PRO A 97 -24.10 1.06 16.23
CA PRO A 97 -23.52 2.25 15.61
C PRO A 97 -22.28 2.04 14.74
N GLY A 98 -21.84 0.80 14.55
CA GLY A 98 -20.60 0.55 13.85
C GLY A 98 -20.71 0.78 12.35
N ALA A 99 -19.64 1.28 11.74
CA ALA A 99 -19.61 1.49 10.30
C ALA A 99 -19.15 0.24 9.58
N THR A 100 -19.59 0.12 8.34
CA THR A 100 -19.19 -0.96 7.44
C THR A 100 -18.61 -0.32 6.19
N PHE A 101 -17.51 -0.88 5.68
CA PHE A 101 -16.91 -0.42 4.42
C PHE A 101 -16.95 -1.50 3.36
N GLY A 102 -17.16 -1.09 2.11
CA GLY A 102 -16.92 -2.00 1.01
C GLY A 102 -15.43 -2.33 0.91
N GLY A 103 -15.08 -3.31 0.07
CA GLY A 103 -13.69 -3.73 -0.02
C GLY A 103 -12.81 -2.87 -0.90
N GLY A 104 -13.42 -1.90 -1.58
CA GLY A 104 -12.67 -0.99 -2.42
C GLY A 104 -12.68 -1.35 -3.90
N THR A 105 -12.69 -0.32 -4.73
CA THR A 105 -12.45 -0.48 -6.16
C THR A 105 -11.25 0.37 -6.52
N LYS A 106 -10.23 -0.26 -7.09
CA LYS A 106 -9.05 0.45 -7.53
C LYS A 106 -9.35 1.08 -8.89
N VAL A 107 -9.22 2.40 -9.00
CA VAL A 107 -9.34 3.03 -10.31
C VAL A 107 -7.95 3.35 -10.84
N GLU A 108 -7.64 2.85 -12.03
CA GLU A 108 -6.32 3.05 -12.62
C GLU A 108 -6.49 3.59 -14.03
N ILE A 109 -5.40 4.13 -14.56
CA ILE A 109 -5.36 4.59 -15.94
C ILE A 109 -5.20 3.38 -16.85
N LYS A 110 -6.03 3.33 -17.89
CA LYS A 110 -5.89 2.35 -18.96
C LYS A 110 -5.01 2.91 -20.05
N ARG A 111 -4.10 2.07 -20.55
CA ARG A 111 -3.24 2.43 -21.68
C ARG A 111 -3.04 1.20 -22.55
N THR A 112 -2.29 1.37 -23.65
CA THR A 112 -2.01 0.25 -24.52
C THR A 112 -1.14 -0.78 -23.82
N VAL A 113 -1.25 -2.03 -24.25
CA VAL A 113 -0.42 -3.09 -23.69
C VAL A 113 1.06 -2.78 -23.85
N ALA A 114 1.84 -3.06 -22.80
CA ALA A 114 3.29 -2.91 -22.82
C ALA A 114 3.92 -4.15 -22.18
N ALA A 115 4.74 -4.85 -22.94
CA ALA A 115 5.37 -6.05 -22.38
C ALA A 115 6.51 -5.64 -21.47
N PRO A 116 6.74 -6.40 -20.40
CA PRO A 116 7.87 -6.09 -19.53
C PRO A 116 9.20 -6.40 -20.18
N SER A 117 10.21 -5.59 -19.90
CA SER A 117 11.57 -6.08 -20.05
C SER A 117 11.87 -6.89 -18.78
N VAL A 118 12.64 -7.96 -18.93
CA VAL A 118 12.81 -8.92 -17.86
C VAL A 118 14.29 -9.13 -17.58
N PHE A 119 14.66 -9.08 -16.30
CA PHE A 119 16.06 -9.20 -15.88
C PHE A 119 16.16 -10.15 -14.70
N ILE A 120 17.22 -10.97 -14.66
CA ILE A 120 17.46 -11.80 -13.49
C ILE A 120 18.81 -11.44 -12.88
N PHE A 121 18.87 -11.47 -11.55
CA PHE A 121 20.09 -11.17 -10.81
C PHE A 121 20.47 -12.32 -9.90
N PRO A 122 21.66 -12.93 -10.11
CA PRO A 122 22.15 -13.91 -9.16
C PRO A 122 22.50 -13.27 -7.82
N PRO A 123 22.55 -14.06 -6.76
CA PRO A 123 23.02 -13.48 -5.49
C PRO A 123 24.46 -12.96 -5.61
N SER A 124 24.76 -11.92 -4.86
CA SER A 124 26.10 -11.34 -4.83
C SER A 124 27.00 -12.24 -4.02
N ASP A 125 28.30 -12.21 -4.30
CA ASP A 125 29.24 -12.97 -3.48
C ASP A 125 29.20 -12.48 -2.04
N GLU A 126 28.98 -11.18 -1.88
CA GLU A 126 28.88 -10.59 -0.55
C GLU A 126 27.76 -11.21 0.27
N GLN A 127 26.57 -11.32 -0.33
CA GLN A 127 25.47 -11.95 0.39
C GLN A 127 25.77 -13.42 0.68
N LEU A 128 26.35 -14.11 -0.29
CA LEU A 128 26.67 -15.52 -0.10
C LEU A 128 27.58 -15.71 1.10
N LYS A 129 28.51 -14.77 1.29
CA LYS A 129 29.39 -14.78 2.46
C LYS A 129 28.60 -14.90 3.77
N SER A 130 27.39 -14.38 3.79
CA SER A 130 26.61 -14.34 5.02
C SER A 130 25.54 -15.44 5.12
N GLY A 131 25.66 -16.48 4.31
CA GLY A 131 24.87 -17.70 4.48
C GLY A 131 23.48 -17.72 3.84
N THR A 132 23.13 -16.67 3.12
CA THR A 132 21.84 -16.62 2.43
C THR A 132 22.04 -16.28 0.95
N ALA A 133 21.09 -16.73 0.13
CA ALA A 133 21.16 -16.46 -1.29
C ALA A 133 19.81 -15.93 -1.78
N SER A 134 19.82 -14.71 -2.29
CA SER A 134 18.61 -14.12 -2.85
C SER A 134 18.79 -13.97 -4.35
N VAL A 135 17.87 -14.53 -5.12
CA VAL A 135 17.86 -14.36 -6.57
C VAL A 135 16.72 -13.41 -6.92
N VAL A 136 17.00 -12.38 -7.71
CA VAL A 136 15.96 -11.38 -7.98
C VAL A 136 15.57 -11.35 -9.46
N CYS A 137 14.27 -11.29 -9.71
CA CYS A 137 13.73 -11.16 -11.06
C CYS A 137 13.00 -9.84 -11.14
N LEU A 138 13.30 -9.05 -12.16
CA LEU A 138 12.68 -7.75 -12.37
C LEU A 138 11.83 -7.76 -13.63
N LEU A 139 10.57 -7.37 -13.49
CA LEU A 139 9.70 -7.07 -14.64
C LEU A 139 9.54 -5.56 -14.71
N ASN A 140 10.06 -4.93 -15.77
CA ASN A 140 10.12 -3.47 -15.81
C ASN A 140 9.10 -2.85 -16.78
N ASN A 141 8.29 -1.93 -16.24
CA ASN A 141 7.37 -1.08 -17.03
C ASN A 141 6.45 -1.83 -17.99
N PHE A 142 5.49 -2.54 -17.41
CA PHE A 142 4.52 -3.31 -18.20
C PHE A 142 3.08 -2.88 -17.92
N TYR A 143 2.18 -3.19 -18.85
CA TYR A 143 0.76 -2.92 -18.67
C TYR A 143 -0.01 -3.92 -19.51
N PRO A 144 -1.10 -4.49 -18.96
CA PRO A 144 -1.70 -4.27 -17.64
C PRO A 144 -0.95 -4.94 -16.50
N ARG A 145 -1.48 -4.76 -15.29
CA ARG A 145 -0.77 -5.16 -14.08
C ARG A 145 -0.64 -6.67 -13.92
N GLU A 146 -1.55 -7.42 -14.53
CA GLU A 146 -1.50 -8.88 -14.37
C GLU A 146 -0.26 -9.51 -14.98
N ALA A 147 0.45 -10.28 -14.16
CA ALA A 147 1.67 -10.95 -14.59
C ALA A 147 1.89 -12.16 -13.70
N LYS A 148 2.56 -13.17 -14.25
CA LYS A 148 2.88 -14.36 -13.48
C LYS A 148 4.39 -14.59 -13.53
N VAL A 149 4.98 -14.79 -12.36
CA VAL A 149 6.39 -15.11 -12.29
C VAL A 149 6.53 -16.43 -11.56
N GLN A 150 7.22 -17.37 -12.19
CA GLN A 150 7.49 -18.65 -11.56
C GLN A 150 8.98 -18.94 -11.56
N TRP A 151 9.46 -19.43 -10.42
CA TRP A 151 10.86 -19.77 -10.23
C TRP A 151 11.07 -21.26 -10.44
N LYS A 152 12.09 -21.62 -11.20
CA LYS A 152 12.45 -23.02 -11.37
C LYS A 152 13.92 -23.18 -11.03
N VAL A 153 14.23 -24.22 -10.26
CA VAL A 153 15.60 -24.53 -9.89
C VAL A 153 15.89 -25.95 -10.35
N ASP A 154 16.84 -26.08 -11.28
CA ASP A 154 17.07 -27.34 -11.99
C ASP A 154 15.74 -27.94 -12.43
N ASN A 155 14.90 -27.07 -12.99
CA ASN A 155 13.57 -27.38 -13.55
C ASN A 155 12.48 -27.66 -12.53
N ALA A 156 12.83 -27.64 -11.25
CA ALA A 156 11.84 -27.88 -10.20
C ALA A 156 11.10 -26.59 -9.87
N LEU A 157 9.77 -26.62 -9.97
CA LEU A 157 8.97 -25.45 -9.64
C LEU A 157 9.08 -25.13 -8.16
N GLN A 158 9.41 -23.88 -7.84
CA GLN A 158 9.58 -23.47 -6.45
C GLN A 158 8.25 -23.03 -5.87
N SER A 159 8.02 -23.33 -4.61
CA SER A 159 6.80 -22.89 -3.97
C SER A 159 7.10 -22.49 -2.54
N GLY A 160 6.56 -21.35 -2.11
CA GLY A 160 6.69 -20.94 -0.73
C GLY A 160 7.98 -20.24 -0.35
N ASN A 161 8.90 -20.07 -1.28
CA ASN A 161 10.18 -19.43 -0.97
C ASN A 161 10.46 -18.20 -1.82
N SER A 162 9.41 -17.60 -2.35
CA SER A 162 9.57 -16.37 -3.09
C SER A 162 8.54 -15.36 -2.65
N GLN A 163 8.88 -14.08 -2.76
CA GLN A 163 7.94 -13.01 -2.48
C GLN A 163 8.06 -11.97 -3.57
N GLU A 164 6.97 -11.27 -3.84
CA GLU A 164 7.02 -10.23 -4.86
C GLU A 164 6.39 -8.94 -4.41
N SER A 165 6.71 -7.89 -5.14
CA SER A 165 6.33 -6.55 -4.81
C SER A 165 6.07 -5.82 -6.12
N VAL A 166 5.07 -4.95 -6.14
CA VAL A 166 4.71 -4.21 -7.36
C VAL A 166 4.64 -2.72 -7.04
N THR A 167 5.19 -1.90 -7.93
CA THR A 167 5.13 -0.44 -7.76
C THR A 167 3.71 0.08 -8.04
N GLU A 168 3.43 1.28 -7.53
CA GLU A 168 2.21 1.98 -7.94
C GLU A 168 2.33 2.36 -9.41
N GLN A 169 1.19 2.61 -10.06
CA GLN A 169 1.18 2.95 -11.48
C GLN A 169 2.09 4.16 -11.76
N ASP A 170 2.94 4.06 -12.78
CA ASP A 170 3.92 5.09 -13.06
C ASP A 170 3.26 6.41 -13.48
N SER A 171 3.74 7.50 -12.92
CA SER A 171 3.12 8.81 -13.16
C SER A 171 3.37 9.31 -14.58
N LYS A 172 4.42 8.80 -15.23
CA LYS A 172 4.76 9.22 -16.60
C LYS A 172 4.16 8.32 -17.68
N ASP A 173 4.30 7.00 -17.54
CA ASP A 173 3.84 6.14 -18.63
C ASP A 173 2.77 5.13 -18.25
N SER A 174 2.25 5.22 -17.03
CA SER A 174 1.11 4.43 -16.57
C SER A 174 1.38 2.92 -16.56
N THR A 175 2.64 2.54 -16.47
CA THR A 175 2.96 1.12 -16.36
C THR A 175 3.16 0.70 -14.91
N TYR A 176 3.33 -0.60 -14.72
CA TYR A 176 3.69 -1.18 -13.45
C TYR A 176 5.06 -1.85 -13.57
N SER A 177 5.74 -2.02 -12.44
CA SER A 177 6.95 -2.82 -12.38
C SER A 177 6.85 -3.79 -11.21
N LEU A 178 7.52 -4.93 -11.33
CA LEU A 178 7.40 -5.98 -10.34
C LEU A 178 8.76 -6.58 -10.01
N SER A 179 8.99 -6.88 -8.74
CA SER A 179 10.20 -7.60 -8.35
C SER A 179 9.77 -8.88 -7.64
N SER A 180 10.40 -9.99 -8.01
CA SER A 180 10.21 -11.25 -7.31
C SER A 180 11.56 -11.69 -6.75
N THR A 181 11.58 -12.07 -5.48
CA THR A 181 12.82 -12.54 -4.88
C THR A 181 12.66 -13.96 -4.40
N LEU A 182 13.54 -14.82 -4.88
CA LEU A 182 13.62 -16.20 -4.43
C LEU A 182 14.72 -16.26 -3.38
N THR A 183 14.41 -16.82 -2.21
CA THR A 183 15.38 -16.89 -1.12
C THR A 183 15.67 -18.34 -0.70
N LEU A 184 16.96 -18.68 -0.67
CA LEU A 184 17.40 -20.01 -0.31
C LEU A 184 18.52 -19.90 0.71
N SER A 185 18.75 -20.96 1.48
CA SER A 185 19.95 -20.99 2.30
C SER A 185 21.14 -21.09 1.36
N LYS A 186 22.31 -20.65 1.81
CA LYS A 186 23.48 -20.78 0.98
C LYS A 186 23.68 -22.25 0.63
N ALA A 187 23.54 -23.12 1.63
CA ALA A 187 23.68 -24.56 1.43
C ALA A 187 22.79 -25.05 0.30
N ASP A 188 21.51 -24.72 0.38
CA ASP A 188 20.54 -25.12 -0.63
C ASP A 188 20.90 -24.55 -2.00
N TYR A 189 21.28 -23.28 -2.04
CA TYR A 189 21.70 -22.63 -3.28
C TYR A 189 22.85 -23.37 -3.95
N GLU A 190 23.81 -23.84 -3.15
CA GLU A 190 24.99 -24.52 -3.71
C GLU A 190 24.66 -25.90 -4.26
N LYS A 191 23.51 -26.44 -3.88
CA LYS A 191 23.11 -27.79 -4.29
C LYS A 191 22.48 -27.85 -5.68
N HIS A 192 22.37 -26.72 -6.35
CA HIS A 192 21.77 -26.68 -7.67
C HIS A 192 22.53 -25.81 -8.66
N LYS A 193 22.26 -25.99 -9.95
CA LYS A 193 23.03 -25.30 -10.98
C LYS A 193 22.25 -24.21 -11.71
N VAL A 194 21.06 -24.55 -12.20
CA VAL A 194 20.34 -23.64 -13.07
C VAL A 194 19.19 -22.93 -12.33
N TYR A 195 19.26 -21.61 -12.31
CA TYR A 195 18.23 -20.79 -11.69
C TYR A 195 17.47 -20.01 -12.76
N ALA A 196 16.15 -20.17 -12.78
CA ALA A 196 15.36 -19.62 -13.87
C ALA A 196 14.12 -18.90 -13.36
N CYS A 197 13.79 -17.80 -14.03
CA CYS A 197 12.59 -17.00 -13.77
C CYS A 197 11.73 -17.12 -15.02
N GLU A 198 10.50 -17.63 -14.90
CA GLU A 198 9.57 -17.72 -16.03
C GLU A 198 8.47 -16.67 -15.89
N VAL A 199 8.37 -15.77 -16.88
CA VAL A 199 7.47 -14.62 -16.80
C VAL A 199 6.38 -14.69 -17.86
N THR A 200 5.13 -14.64 -17.42
CA THR A 200 4.00 -14.64 -18.33
C THR A 200 3.28 -13.29 -18.26
N HIS A 201 3.12 -12.66 -19.41
CA HIS A 201 2.42 -11.38 -19.51
C HIS A 201 1.78 -11.27 -20.89
N GLN A 202 0.62 -10.62 -20.96
CA GLN A 202 -0.12 -10.64 -22.22
C GLN A 202 0.60 -9.87 -23.33
N GLY A 203 1.54 -9.01 -22.96
CA GLY A 203 2.34 -8.29 -23.93
C GLY A 203 3.45 -9.14 -24.56
N LEU A 204 3.66 -10.33 -24.00
CA LEU A 204 4.67 -11.26 -24.50
C LEU A 204 4.01 -12.38 -25.30
N SER A 205 4.53 -12.63 -26.49
CA SER A 205 3.96 -13.65 -27.37
C SER A 205 4.13 -15.05 -26.80
N SER A 206 5.19 -15.22 -26.01
CA SER A 206 5.42 -16.47 -25.29
C SER A 206 6.02 -16.08 -23.96
N PRO A 207 5.78 -16.88 -22.92
CA PRO A 207 6.46 -16.54 -21.67
C PRO A 207 7.97 -16.44 -21.87
N VAL A 208 8.60 -15.54 -21.12
CA VAL A 208 10.04 -15.34 -21.22
C VAL A 208 10.72 -16.04 -20.07
N THR A 209 11.76 -16.81 -20.37
CA THR A 209 12.58 -17.43 -19.32
C THR A 209 13.94 -16.75 -19.26
N LYS A 210 14.31 -16.26 -18.08
CA LYS A 210 15.65 -15.72 -17.85
C LYS A 210 16.36 -16.67 -16.90
N SER A 211 17.60 -17.04 -17.22
CA SER A 211 18.27 -18.03 -16.38
C SER A 211 19.78 -17.82 -16.34
N PHE A 212 20.42 -18.46 -15.37
CA PHE A 212 21.87 -18.47 -15.27
C PHE A 212 22.34 -19.77 -14.62
N ASN A 213 23.59 -20.15 -14.90
CA ASN A 213 24.27 -21.21 -14.19
C ASN A 213 25.00 -20.62 -12.99
N ARG A 214 24.76 -21.15 -11.80
CA ARG A 214 25.46 -20.71 -10.59
C ARG A 214 26.96 -20.71 -10.83
N ALA B 2 -12.37 22.69 9.06
CA ALA B 2 -12.23 22.09 10.36
C ALA B 2 -11.26 20.89 10.28
N GLN B 3 -10.56 20.61 11.38
CA GLN B 3 -9.52 19.56 11.37
C GLN B 3 -9.53 18.66 12.60
N LEU B 4 -9.02 17.45 12.41
CA LEU B 4 -8.65 16.57 13.52
C LEU B 4 -7.16 16.37 13.45
N VAL B 5 -6.44 16.80 14.48
CA VAL B 5 -4.99 16.78 14.45
C VAL B 5 -4.50 15.55 15.21
N GLU B 6 -3.97 14.58 14.47
CA GLU B 6 -3.70 13.25 15.00
C GLU B 6 -2.25 13.06 15.42
N SER B 7 -2.07 12.37 16.53
CA SER B 7 -0.73 12.08 17.04
C SER B 7 -0.69 10.71 17.68
N GLY B 8 0.50 10.26 18.02
CA GLY B 8 0.65 8.97 18.66
C GLY B 8 1.18 7.95 17.68
N GLY B 9 1.00 6.69 17.98
CA GLY B 9 1.49 5.64 17.10
C GLY B 9 2.90 5.25 17.47
N GLY B 10 3.45 4.28 16.76
CA GLY B 10 4.78 3.79 17.08
C GLY B 10 4.94 2.32 16.76
N VAL B 11 6.01 1.74 17.31
CA VAL B 11 6.36 0.38 16.99
C VAL B 11 6.56 -0.36 18.29
N VAL B 12 5.80 -1.42 18.51
CA VAL B 12 5.87 -2.12 19.79
C VAL B 12 5.88 -3.62 19.65
N GLN B 13 6.27 -4.30 20.73
CA GLN B 13 6.23 -5.74 20.82
C GLN B 13 4.79 -6.23 21.01
N PRO B 14 4.50 -7.46 20.58
CA PRO B 14 3.14 -7.97 20.80
C PRO B 14 2.80 -8.04 22.28
N GLY B 15 1.54 -7.77 22.61
CA GLY B 15 1.10 -7.73 24.00
C GLY B 15 1.32 -6.39 24.69
N ARG B 16 1.96 -5.45 24.01
CA ARG B 16 2.23 -4.14 24.59
C ARG B 16 1.13 -3.13 24.22
N SER B 17 1.38 -1.84 24.50
CA SER B 17 0.37 -0.78 24.42
C SER B 17 0.85 0.48 23.72
N LEU B 18 -0.07 1.15 23.02
CA LEU B 18 0.14 2.48 22.47
C LEU B 18 -1.11 3.30 22.67
N THR B 19 -0.97 4.62 22.73
CA THR B 19 -2.15 5.50 22.78
C THR B 19 -2.15 6.47 21.61
N LEU B 20 -3.27 6.56 20.92
CA LEU B 20 -3.43 7.50 19.82
C LEU B 20 -4.26 8.66 20.31
N SER B 21 -4.07 9.85 19.72
CA SER B 21 -4.85 11.01 20.12
C SER B 21 -5.20 11.88 18.91
N CYS B 22 -6.33 12.58 19.01
CA CYS B 22 -6.71 13.59 18.02
C CYS B 22 -7.24 14.82 18.71
N ALA B 23 -6.74 15.99 18.31
CA ALA B 23 -7.23 17.25 18.84
C ALA B 23 -8.15 17.94 17.82
N ALA B 24 -9.31 18.40 18.29
CA ALA B 24 -10.24 19.09 17.41
C ALA B 24 -9.78 20.52 17.13
N SER B 25 -10.06 21.00 15.93
CA SER B 25 -9.74 22.37 15.57
C SER B 25 -10.79 22.88 14.59
N GLY B 26 -11.38 24.04 14.91
CA GLY B 26 -12.27 24.70 13.97
C GLY B 26 -13.69 24.20 13.96
N PHE B 27 -14.06 23.38 14.94
CA PHE B 27 -15.46 22.97 15.07
C PHE B 27 -15.75 22.64 16.53
N THR B 28 -17.02 22.45 16.86
CA THR B 28 -17.39 22.22 18.25
C THR B 28 -17.30 20.72 18.54
N PHE B 29 -16.22 20.33 19.20
CA PHE B 29 -15.88 18.92 19.41
C PHE B 29 -17.01 18.16 20.08
N SER B 30 -17.54 18.74 21.16
CA SER B 30 -18.51 18.05 22.00
C SER B 30 -19.86 17.87 21.31
N SER B 31 -20.03 18.47 20.13
CA SER B 31 -21.29 18.33 19.40
C SER B 31 -21.32 17.11 18.50
N HIS B 32 -20.23 16.37 18.42
CA HIS B 32 -20.15 15.29 17.42
C HIS B 32 -19.60 13.98 17.96
N GLY B 33 -20.20 12.90 17.51
CA GLY B 33 -19.68 11.57 17.72
C GLY B 33 -18.34 11.45 17.03
N MET B 34 -17.50 10.58 17.57
CA MET B 34 -16.12 10.42 17.10
C MET B 34 -15.75 8.95 16.89
N HIS B 35 -14.99 8.67 15.84
CA HIS B 35 -14.64 7.30 15.47
C HIS B 35 -13.17 7.07 15.26
N TRP B 36 -12.75 5.82 15.36
CA TRP B 36 -11.44 5.40 14.82
C TRP B 36 -11.65 4.38 13.71
N VAL B 37 -10.85 4.51 12.67
CA VAL B 37 -10.87 3.64 11.48
C VAL B 37 -9.44 3.24 11.18
N ARG B 38 -9.22 2.05 10.62
CA ARG B 38 -7.85 1.66 10.31
C ARG B 38 -7.74 0.97 8.97
N GLN B 39 -6.50 0.93 8.46
CA GLN B 39 -6.23 0.16 7.27
C GLN B 39 -4.93 -0.61 7.44
N ALA B 40 -5.06 -1.93 7.44
CA ALA B 40 -3.91 -2.82 7.54
C ALA B 40 -3.27 -2.95 6.16
N PRO B 41 -1.95 -3.19 6.13
CA PRO B 41 -1.29 -3.44 4.84
C PRO B 41 -2.03 -4.50 4.03
N GLY B 42 -2.29 -4.19 2.75
CA GLY B 42 -2.98 -5.11 1.87
C GLY B 42 -4.47 -5.29 2.10
N LYS B 43 -5.04 -4.53 3.03
CA LYS B 43 -6.47 -4.65 3.31
C LYS B 43 -7.21 -3.33 3.09
N GLY B 44 -8.52 -3.35 3.27
CA GLY B 44 -9.33 -2.16 3.06
C GLY B 44 -9.49 -1.38 4.34
N LEU B 45 -10.34 -0.36 4.30
CA LEU B 45 -10.68 0.38 5.51
C LEU B 45 -11.52 -0.49 6.45
N GLU B 46 -11.21 -0.43 7.74
CA GLU B 46 -11.94 -1.17 8.77
C GLU B 46 -12.35 -0.24 9.91
N TRP B 47 -13.64 -0.20 10.23
CA TRP B 47 -14.11 0.59 11.36
C TRP B 47 -13.67 -0.06 12.67
N VAL B 48 -13.24 0.74 13.64
CA VAL B 48 -12.67 0.23 14.89
C VAL B 48 -13.54 0.51 16.11
N ALA B 49 -13.97 1.76 16.27
CA ALA B 49 -14.69 2.13 17.49
C ALA B 49 -15.39 3.48 17.36
N VAL B 50 -16.38 3.70 18.23
CA VAL B 50 -17.11 4.97 18.29
C VAL B 50 -17.34 5.39 19.74
N ILE B 51 -17.34 6.70 19.96
CA ILE B 51 -17.81 7.26 21.22
C ILE B 51 -18.77 8.40 20.89
N ALA B 52 -19.92 8.41 21.57
CA ALA B 52 -20.92 9.45 21.32
C ALA B 52 -20.41 10.83 21.73
N SER B 53 -21.07 11.88 21.21
CA SER B 53 -20.66 13.26 21.43
C SER B 53 -20.34 13.55 22.90
N HIS B 54 -21.18 13.06 23.82
CA HIS B 54 -20.98 13.39 25.22
C HIS B 54 -20.47 12.20 26.02
N GLY B 55 -19.86 11.26 25.30
CA GLY B 55 -19.04 10.21 25.90
C GLY B 55 -19.80 9.17 26.71
N ASN B 56 -21.12 9.13 26.53
CA ASN B 56 -21.98 8.29 27.36
C ASN B 56 -22.27 6.93 26.74
N VAL B 57 -21.93 6.78 25.46
CA VAL B 57 -22.14 5.53 24.73
C VAL B 57 -20.90 5.25 23.91
N ASN B 58 -20.39 4.03 23.97
CA ASN B 58 -19.32 3.65 23.04
C ASN B 58 -19.58 2.29 22.42
N TYR B 59 -18.76 1.92 21.45
CA TYR B 59 -18.97 0.65 20.76
C TYR B 59 -17.68 0.27 20.07
N TYR B 60 -17.43 -1.03 19.94
CA TYR B 60 -16.19 -1.53 19.35
C TYR B 60 -16.43 -2.57 18.29
N ALA B 61 -15.54 -2.61 17.30
CA ALA B 61 -15.47 -3.76 16.41
C ALA B 61 -15.14 -5.02 17.21
N ASP B 62 -15.68 -6.17 16.82
CA ASP B 62 -15.39 -7.42 17.53
C ASP B 62 -13.88 -7.70 17.63
N SER B 63 -13.15 -7.31 16.59
CA SER B 63 -11.72 -7.58 16.48
C SER B 63 -10.88 -6.88 17.53
N VAL B 64 -11.42 -5.82 18.14
CA VAL B 64 -10.66 -5.06 19.13
C VAL B 64 -11.34 -4.98 20.49
N LYS B 65 -12.59 -5.45 20.56
CA LYS B 65 -13.37 -5.37 21.80
C LYS B 65 -12.63 -6.04 22.95
N GLY B 66 -12.56 -5.37 24.09
CA GLY B 66 -11.86 -5.91 25.25
C GLY B 66 -10.38 -5.55 25.29
N ARG B 67 -9.84 -5.07 24.17
CA ARG B 67 -8.42 -4.74 24.11
C ARG B 67 -8.17 -3.25 23.94
N PHE B 68 -9.02 -2.60 23.14
CA PHE B 68 -8.88 -1.17 22.87
C PHE B 68 -9.90 -0.40 23.71
N THR B 69 -9.52 0.78 24.18
CA THR B 69 -10.47 1.63 24.90
C THR B 69 -10.56 3.00 24.24
N ILE B 70 -11.76 3.39 23.84
CA ILE B 70 -11.95 4.70 23.23
C ILE B 70 -12.44 5.63 24.33
N SER B 71 -12.00 6.88 24.27
CA SER B 71 -12.40 7.85 25.25
C SER B 71 -12.27 9.23 24.64
N ARG B 72 -12.91 10.21 25.27
CA ARG B 72 -12.78 11.59 24.83
C ARG B 72 -12.72 12.51 26.01
N ASP B 73 -12.19 13.70 25.75
CA ASP B 73 -12.07 14.72 26.77
C ASP B 73 -12.70 15.99 26.22
N ASN B 74 -13.96 16.22 26.59
CA ASN B 74 -14.69 17.39 26.10
C ASN B 74 -14.33 18.66 26.83
N SER B 75 -13.25 18.61 27.61
CA SER B 75 -12.70 19.79 28.26
C SER B 75 -11.48 20.24 27.47
N LYS B 76 -10.64 19.28 27.11
CA LYS B 76 -9.43 19.54 26.33
C LYS B 76 -9.71 19.41 24.85
N ASN B 77 -10.90 18.93 24.53
CA ASN B 77 -11.35 18.68 23.16
C ASN B 77 -10.40 17.77 22.41
N THR B 78 -10.17 16.61 23.01
CA THR B 78 -9.36 15.56 22.39
C THR B 78 -10.12 14.23 22.40
N LEU B 79 -9.71 13.38 21.47
CA LEU B 79 -10.20 12.01 21.33
C LEU B 79 -9.02 11.05 21.52
N SER B 80 -9.24 9.94 22.22
CA SER B 80 -8.16 8.97 22.45
C SER B 80 -8.54 7.55 22.06
N LEU B 81 -7.54 6.77 21.68
CA LEU B 81 -7.68 5.33 21.53
C LEU B 81 -6.53 4.69 22.30
N GLN B 82 -6.86 4.04 23.41
CA GLN B 82 -5.84 3.29 24.15
C GLN B 82 -5.82 1.87 23.62
N MET B 83 -4.67 1.47 23.09
CA MET B 83 -4.58 0.17 22.46
C MET B 83 -3.72 -0.76 23.30
N ASP B 84 -4.36 -1.64 24.07
CA ASP B 84 -3.64 -2.58 24.93
C ASP B 84 -3.63 -3.94 24.27
N SER B 85 -2.82 -4.86 24.79
CA SER B 85 -2.82 -6.24 24.30
C SER B 85 -2.67 -6.34 22.79
N LEU B 86 -1.74 -5.58 22.24
CA LEU B 86 -1.60 -5.48 20.78
C LEU B 86 -1.16 -6.78 20.10
N ARG B 87 -1.69 -7.00 18.90
CA ARG B 87 -1.41 -8.19 18.11
C ARG B 87 -0.76 -7.75 16.81
N ALA B 88 0.02 -8.63 16.18
CA ALA B 88 0.62 -8.31 14.89
C ALA B 88 -0.42 -7.82 13.90
N GLU B 89 -1.62 -8.38 13.94
CA GLU B 89 -2.64 -8.03 12.95
C GLU B 89 -3.31 -6.69 13.25
N ASP B 90 -2.97 -6.08 14.39
CA ASP B 90 -3.38 -4.70 14.64
C ASP B 90 -2.49 -3.70 13.90
N THR B 91 -1.45 -4.20 13.22
CA THR B 91 -0.54 -3.34 12.46
C THR B 91 -1.34 -2.68 11.35
N ALA B 92 -1.35 -1.35 11.33
CA ALA B 92 -2.20 -0.61 10.42
C ALA B 92 -1.99 0.90 10.55
N VAL B 93 -2.44 1.66 9.55
CA VAL B 93 -2.60 3.10 9.70
C VAL B 93 -3.93 3.37 10.40
N TYR B 94 -3.90 4.18 11.46
CA TYR B 94 -5.13 4.51 12.19
C TYR B 94 -5.53 5.94 11.93
N TYR B 95 -6.83 6.16 11.74
CA TYR B 95 -7.42 7.47 11.48
C TYR B 95 -8.49 7.76 12.52
N CYS B 96 -8.51 8.96 13.07
CA CYS B 96 -9.71 9.41 13.78
C CYS B 96 -10.65 10.07 12.76
N ALA B 97 -11.95 10.02 13.03
CA ALA B 97 -12.93 10.56 12.09
C ALA B 97 -14.10 11.17 12.82
N LYS B 98 -14.54 12.34 12.34
CA LYS B 98 -15.73 13.04 12.86
C LYS B 98 -16.99 12.60 12.12
N GLU B 99 -18.11 12.48 12.85
CA GLU B 99 -19.40 12.20 12.21
C GLU B 99 -19.88 13.40 11.43
N SER B 100 -20.41 13.13 10.25
CA SER B 100 -20.94 14.18 9.38
C SER B 100 -22.08 14.96 10.04
N ASP B 101 -22.33 16.17 9.55
CA ASP B 101 -23.31 17.08 10.13
C ASP B 101 -24.72 16.89 9.60
N SER B 102 -25.71 17.06 10.48
CA SER B 102 -27.07 17.24 10.02
C SER B 102 -27.17 18.60 9.33
N CYS B 103 -28.23 18.82 8.56
CA CYS B 103 -28.33 20.07 7.80
C CYS B 103 -29.78 20.50 7.65
N GLY B 104 -30.60 20.16 8.64
CA GLY B 104 -31.99 20.55 8.63
C GLY B 104 -32.89 19.55 7.96
N GLY B 105 -32.43 18.31 7.85
CA GLY B 105 -33.28 17.22 7.41
C GLY B 105 -32.74 16.31 6.33
N ASP B 106 -31.99 16.87 5.39
CA ASP B 106 -31.51 16.13 4.23
C ASP B 106 -30.17 15.44 4.45
N CYS B 107 -29.48 15.79 5.53
CA CYS B 107 -28.13 15.27 5.80
C CYS B 107 -28.06 14.39 7.05
N SER B 108 -27.42 13.23 6.95
CA SER B 108 -27.32 12.32 8.09
C SER B 108 -25.96 12.44 8.76
N ARG B 109 -25.88 11.89 9.97
CA ARG B 109 -24.63 11.87 10.74
C ARG B 109 -23.90 10.55 10.58
N PHE B 110 -24.14 9.85 9.47
CA PHE B 110 -23.66 8.49 9.31
C PHE B 110 -22.46 8.35 8.38
N ALA B 111 -21.95 9.49 7.90
CA ALA B 111 -20.70 9.52 7.16
C ALA B 111 -19.59 10.12 8.02
N PHE B 112 -18.39 10.23 7.45
CA PHE B 112 -17.25 10.80 8.14
C PHE B 112 -16.72 11.98 7.34
N ASP B 113 -16.86 13.19 7.87
CA ASP B 113 -16.56 14.36 7.04
C ASP B 113 -15.17 14.95 7.31
N VAL B 114 -14.65 14.73 8.52
CA VAL B 114 -13.31 15.20 8.85
C VAL B 114 -12.47 14.06 9.36
N TRP B 115 -11.31 13.85 8.74
CA TRP B 115 -10.39 12.76 9.08
C TRP B 115 -9.03 13.24 9.58
N GLY B 116 -8.49 12.57 10.59
CA GLY B 116 -7.09 12.77 10.95
C GLY B 116 -6.21 12.26 9.83
N HIS B 117 -4.98 12.71 9.80
CA HIS B 117 -4.07 12.40 8.68
C HIS B 117 -3.74 10.93 8.60
N GLY B 118 -3.79 10.23 9.74
CA GLY B 118 -3.40 8.82 9.78
C GLY B 118 -2.07 8.70 10.50
N THR B 119 -1.93 7.68 11.32
CA THR B 119 -0.66 7.42 11.98
C THR B 119 -0.43 5.92 12.04
N MET B 120 0.82 5.50 11.89
CA MET B 120 1.12 4.09 11.81
C MET B 120 1.35 3.47 13.17
N VAL B 121 0.77 2.29 13.34
CA VAL B 121 0.98 1.43 14.49
C VAL B 121 1.53 0.13 13.96
N THR B 122 2.70 -0.26 14.45
CA THR B 122 3.34 -1.49 14.01
C THR B 122 3.60 -2.38 15.22
N VAL B 123 3.11 -3.61 15.15
CA VAL B 123 3.24 -4.57 16.23
C VAL B 123 4.05 -5.75 15.71
N SER B 124 5.19 -6.01 16.33
CA SER B 124 6.07 -7.07 15.85
C SER B 124 7.01 -7.54 16.94
N SER B 125 7.38 -8.82 16.92
CA SER B 125 8.39 -9.33 17.85
C SER B 125 9.83 -8.96 17.39
N ALA B 126 9.95 -8.45 16.16
CA ALA B 126 11.26 -8.04 15.65
C ALA B 126 11.82 -6.87 16.46
N SER B 127 13.13 -6.75 16.51
CA SER B 127 13.76 -5.58 17.10
C SER B 127 14.52 -4.81 16.05
N THR B 128 14.84 -3.55 16.35
CA THR B 128 15.53 -2.68 15.41
C THR B 128 16.78 -3.32 14.84
N LYS B 129 16.89 -3.31 13.51
CA LYS B 129 18.04 -3.88 12.82
C LYS B 129 18.22 -3.10 11.51
N GLY B 130 19.46 -2.72 11.20
CA GLY B 130 19.73 -2.03 9.96
C GLY B 130 19.88 -3.05 8.84
N PRO B 131 19.72 -2.59 7.58
CA PRO B 131 19.79 -3.53 6.46
C PRO B 131 21.21 -3.85 6.03
N SER B 132 21.37 -5.01 5.41
CA SER B 132 22.53 -5.27 4.58
C SER B 132 22.17 -4.77 3.20
N VAL B 133 23.14 -4.20 2.48
CA VAL B 133 22.87 -3.69 1.14
C VAL B 133 23.76 -4.44 0.16
N PHE B 134 23.12 -5.17 -0.77
CA PHE B 134 23.84 -5.99 -1.74
C PHE B 134 23.63 -5.47 -3.15
N PRO B 135 24.66 -5.57 -3.99
CA PRO B 135 24.48 -5.09 -5.36
C PRO B 135 23.66 -6.04 -6.22
N LEU B 136 22.89 -5.46 -7.12
CA LEU B 136 22.25 -6.18 -8.19
C LEU B 136 22.97 -5.73 -9.46
N ALA B 137 24.08 -6.41 -9.78
CA ALA B 137 24.94 -5.96 -10.88
C ALA B 137 24.31 -6.14 -12.26
N PRO B 138 24.56 -5.20 -13.17
CA PRO B 138 24.00 -5.34 -14.53
C PRO B 138 24.56 -6.57 -15.22
N SER B 139 23.72 -7.25 -15.99
CA SER B 139 24.11 -8.49 -16.65
C SER B 139 25.36 -8.32 -17.51
N SER B 140 26.20 -9.36 -17.53
CA SER B 140 27.37 -9.38 -18.40
C SER B 140 26.95 -9.36 -19.87
N LYS B 141 25.70 -9.74 -20.11
CA LYS B 141 25.12 -9.77 -21.44
C LYS B 141 24.67 -8.38 -21.91
N SER B 142 24.74 -7.40 -21.01
CA SER B 142 24.37 -6.03 -21.38
C SER B 142 25.26 -5.53 -22.52
N THR B 143 24.63 -4.95 -23.53
CA THR B 143 25.34 -4.54 -24.73
C THR B 143 24.66 -3.35 -25.42
N SER B 144 25.47 -2.46 -26.01
CA SER B 144 24.96 -1.22 -26.59
C SER B 144 23.76 -1.43 -27.51
N GLY B 145 22.84 -0.47 -27.50
CA GLY B 145 21.62 -0.56 -28.28
C GLY B 145 20.49 -1.13 -27.47
N GLY B 146 20.83 -1.77 -26.34
CA GLY B 146 19.83 -2.37 -25.47
C GLY B 146 19.70 -1.61 -24.16
N THR B 147 18.87 -2.14 -23.27
CA THR B 147 18.62 -1.55 -21.97
C THR B 147 19.21 -2.45 -20.90
N ALA B 148 19.90 -1.86 -19.92
CA ALA B 148 20.45 -2.64 -18.82
C ALA B 148 19.71 -2.31 -17.52
N ALA B 149 19.63 -3.28 -16.62
CA ALA B 149 19.04 -3.05 -15.30
C ALA B 149 20.09 -3.29 -14.24
N LEU B 150 20.08 -2.47 -13.21
CA LEU B 150 20.95 -2.69 -12.06
C LEU B 150 20.22 -2.19 -10.83
N GLY B 151 20.71 -2.53 -9.65
CA GLY B 151 20.01 -2.11 -8.45
C GLY B 151 20.72 -2.46 -7.16
N CYS B 152 20.01 -2.26 -6.05
CA CYS B 152 20.49 -2.67 -4.74
C CYS B 152 19.41 -3.44 -4.03
N LEU B 153 19.81 -4.53 -3.40
CA LEU B 153 18.93 -5.30 -2.52
C LEU B 153 19.17 -4.83 -1.10
N VAL B 154 18.10 -4.35 -0.47
CA VAL B 154 18.16 -3.78 0.88
C VAL B 154 17.48 -4.78 1.80
N LYS B 155 18.28 -5.62 2.44
CA LYS B 155 17.74 -6.84 3.05
C LYS B 155 17.82 -6.86 4.58
N ASP B 156 16.76 -7.39 5.18
CA ASP B 156 16.73 -7.74 6.61
C ASP B 156 16.83 -6.54 7.56
N TYR B 157 15.87 -5.64 7.46
CA TYR B 157 15.82 -4.49 8.35
C TYR B 157 14.49 -4.40 9.10
N PHE B 158 14.47 -3.58 10.15
CA PHE B 158 13.28 -3.33 10.95
C PHE B 158 13.50 -2.09 11.82
N PRO B 159 12.47 -1.21 11.92
CA PRO B 159 11.18 -1.28 11.23
C PRO B 159 11.22 -0.54 9.92
N GLU B 160 10.09 -0.44 9.25
CA GLU B 160 9.95 0.52 8.16
C GLU B 160 10.15 1.94 8.70
N PRO B 161 10.59 2.88 7.84
CA PRO B 161 10.93 2.73 6.43
C PRO B 161 12.43 2.83 6.15
N VAL B 162 12.82 2.52 4.91
CA VAL B 162 14.13 2.90 4.42
C VAL B 162 13.91 3.88 3.28
N THR B 163 14.89 4.72 3.03
CA THR B 163 14.86 5.59 1.86
C THR B 163 16.02 5.21 0.96
N VAL B 164 15.80 5.26 -0.35
CA VAL B 164 16.83 4.96 -1.32
C VAL B 164 16.85 6.04 -2.38
N SER B 165 18.03 6.58 -2.65
CA SER B 165 18.20 7.45 -3.80
C SER B 165 19.30 6.88 -4.68
N TRP B 166 19.47 7.46 -5.85
CA TRP B 166 20.56 7.06 -6.74
C TRP B 166 21.41 8.28 -7.09
N ASN B 167 22.72 8.15 -6.96
CA ASN B 167 23.66 9.23 -7.29
C ASN B 167 23.29 10.53 -6.57
N SER B 168 22.95 10.38 -5.29
CA SER B 168 22.60 11.48 -4.39
C SER B 168 21.44 12.31 -4.94
N GLY B 169 20.53 11.64 -5.63
CA GLY B 169 19.33 12.28 -6.15
C GLY B 169 19.46 12.75 -7.59
N ALA B 170 20.64 12.62 -8.17
CA ALA B 170 20.85 13.07 -9.54
C ALA B 170 20.20 12.15 -10.57
N LEU B 171 20.00 10.89 -10.20
CA LEU B 171 19.37 9.91 -11.09
C LEU B 171 17.95 9.57 -10.63
N THR B 172 16.95 9.88 -11.45
CA THR B 172 15.55 9.60 -11.09
C THR B 172 14.82 8.88 -12.22
N SER B 173 15.21 9.19 -13.46
CA SER B 173 14.59 8.57 -14.62
C SER B 173 14.84 7.05 -14.63
N GLY B 174 13.77 6.27 -14.70
CA GLY B 174 13.90 4.82 -14.80
C GLY B 174 14.11 4.11 -13.47
N VAL B 175 14.07 4.87 -12.38
CA VAL B 175 14.23 4.29 -11.04
C VAL B 175 12.93 3.68 -10.55
N HIS B 176 12.99 2.48 -10.00
CA HIS B 176 11.87 1.90 -9.29
C HIS B 176 12.33 1.35 -7.94
N THR B 177 11.88 1.97 -6.86
CA THR B 177 12.12 1.43 -5.53
C THR B 177 10.84 0.74 -5.07
N PHE B 178 10.93 -0.56 -4.85
CA PHE B 178 9.74 -1.38 -4.62
C PHE B 178 9.25 -1.32 -3.20
N PRO B 179 7.93 -1.50 -3.00
CA PRO B 179 7.40 -1.70 -1.65
C PRO B 179 8.16 -2.82 -0.96
N ALA B 180 8.48 -2.61 0.31
CA ALA B 180 9.14 -3.64 1.09
C ALA B 180 8.22 -4.83 1.24
N VAL B 181 8.83 -6.00 1.42
CA VAL B 181 8.09 -7.21 1.69
C VAL B 181 8.46 -7.67 3.11
N LEU B 182 7.48 -8.16 3.86
CA LEU B 182 7.75 -8.64 5.21
C LEU B 182 8.07 -10.13 5.16
N GLN B 183 9.27 -10.49 5.57
CA GLN B 183 9.74 -11.87 5.50
C GLN B 183 9.27 -12.66 6.72
N SER B 184 9.34 -13.99 6.63
CA SER B 184 8.86 -14.84 7.72
C SER B 184 9.69 -14.65 8.96
N SER B 185 10.90 -14.11 8.78
CA SER B 185 11.77 -13.78 9.89
C SER B 185 11.28 -12.57 10.67
N GLY B 186 10.30 -11.84 10.14
CA GLY B 186 9.84 -10.61 10.75
C GLY B 186 10.63 -9.39 10.30
N LEU B 187 11.60 -9.58 9.41
CA LEU B 187 12.40 -8.47 8.89
C LEU B 187 11.96 -8.09 7.49
N TYR B 188 12.15 -6.83 7.12
CA TYR B 188 11.75 -6.36 5.80
C TYR B 188 12.88 -6.50 4.80
N SER B 189 12.50 -6.55 3.53
CA SER B 189 13.46 -6.54 2.45
C SER B 189 12.86 -5.81 1.26
N LEU B 190 13.65 -4.98 0.60
CA LEU B 190 13.18 -4.37 -0.65
C LEU B 190 14.32 -4.30 -1.64
N SER B 191 13.96 -4.11 -2.90
CA SER B 191 14.95 -3.84 -3.92
C SER B 191 14.69 -2.48 -4.53
N SER B 192 15.77 -1.82 -4.94
CA SER B 192 15.65 -0.59 -5.72
C SER B 192 16.45 -0.81 -6.98
N VAL B 193 15.82 -0.60 -8.12
CA VAL B 193 16.48 -0.80 -9.41
C VAL B 193 16.42 0.44 -10.26
N VAL B 194 17.23 0.45 -11.30
CA VAL B 194 17.13 1.46 -12.34
C VAL B 194 17.43 0.80 -13.68
N THR B 195 16.69 1.17 -14.73
CA THR B 195 17.08 0.76 -16.07
C THR B 195 17.73 1.93 -16.75
N VAL B 196 18.78 1.64 -17.49
CA VAL B 196 19.58 2.67 -18.16
C VAL B 196 19.98 2.13 -19.51
N PRO B 197 20.39 3.01 -20.44
CA PRO B 197 20.92 2.48 -21.69
C PRO B 197 22.16 1.63 -21.41
N SER B 198 22.25 0.44 -22.02
CA SER B 198 23.43 -0.40 -21.81
C SER B 198 24.69 0.38 -22.14
N SER B 199 24.61 1.22 -23.15
CA SER B 199 25.71 2.10 -23.53
C SER B 199 26.27 2.91 -22.35
N SER B 200 25.40 3.29 -21.41
CA SER B 200 25.83 4.18 -20.33
C SER B 200 26.75 3.47 -19.33
N LEU B 201 26.81 2.14 -19.40
CA LEU B 201 27.69 1.39 -18.50
C LEU B 201 29.14 1.69 -18.83
N GLY B 202 29.40 2.24 -20.00
CA GLY B 202 30.77 2.56 -20.38
C GLY B 202 31.30 3.84 -19.75
N THR B 203 30.41 4.66 -19.20
CA THR B 203 30.80 6.01 -18.78
C THR B 203 30.26 6.48 -17.43
N GLN B 204 29.20 5.83 -16.95
CA GLN B 204 28.45 6.34 -15.82
C GLN B 204 28.64 5.51 -14.56
N THR B 205 28.89 6.20 -13.44
CA THR B 205 28.90 5.57 -12.12
C THR B 205 27.48 5.51 -11.55
N TYR B 206 27.13 4.36 -10.97
CA TYR B 206 25.84 4.19 -10.30
C TYR B 206 26.05 3.83 -8.83
N ILE B 207 25.52 4.69 -7.96
CA ILE B 207 25.63 4.51 -6.52
C ILE B 207 24.26 4.60 -5.87
N CYS B 208 23.90 3.59 -5.09
CA CYS B 208 22.62 3.65 -4.40
C CYS B 208 22.88 4.16 -2.98
N ASN B 209 22.10 5.14 -2.57
CA ASN B 209 22.22 5.76 -1.26
C ASN B 209 21.08 5.25 -0.39
N VAL B 210 21.42 4.45 0.61
CA VAL B 210 20.43 3.80 1.46
C VAL B 210 20.46 4.36 2.87
N ASN B 211 19.28 4.74 3.36
CA ASN B 211 19.18 5.23 4.72
C ASN B 211 18.10 4.54 5.50
N HIS B 212 18.48 4.03 6.68
CA HIS B 212 17.52 3.46 7.61
C HIS B 212 17.69 4.19 8.94
N LYS B 213 16.88 5.23 9.13
CA LYS B 213 17.04 6.09 10.30
C LYS B 213 16.92 5.37 11.65
N PRO B 214 15.94 4.44 11.80
CA PRO B 214 15.80 3.80 13.11
C PRO B 214 17.09 3.16 13.65
N SER B 215 17.97 2.70 12.76
CA SER B 215 19.22 2.04 13.17
C SER B 215 20.44 2.89 12.89
N ASN B 216 20.21 4.13 12.46
CA ASN B 216 21.29 5.03 12.06
C ASN B 216 22.18 4.38 11.00
N THR B 217 21.58 3.68 10.05
CA THR B 217 22.35 3.02 9.00
C THR B 217 22.37 3.88 7.74
N LYS B 218 23.57 4.22 7.30
CA LYS B 218 23.80 4.99 6.08
C LYS B 218 24.74 4.17 5.22
N VAL B 219 24.31 3.80 4.01
CA VAL B 219 25.18 3.04 3.10
C VAL B 219 25.13 3.64 1.71
N ASP B 220 26.30 3.86 1.12
CA ASP B 220 26.40 4.26 -0.28
C ASP B 220 27.13 3.16 -1.04
N LYS B 221 26.40 2.44 -1.88
CA LYS B 221 26.96 1.27 -2.54
C LYS B 221 27.08 1.48 -4.06
N ARG B 222 28.31 1.42 -4.59
CA ARG B 222 28.48 1.47 -6.04
C ARG B 222 28.12 0.13 -6.64
N VAL B 223 27.38 0.18 -7.74
CA VAL B 223 26.95 -1.03 -8.45
C VAL B 223 27.59 -1.03 -9.83
N GLU B 224 28.45 -2.03 -10.09
CA GLU B 224 29.19 -2.17 -11.34
C GLU B 224 28.97 -3.56 -11.95
N PRO B 225 29.23 -3.71 -13.25
CA PRO B 225 29.29 -5.05 -13.85
C PRO B 225 30.31 -5.93 -13.11
N LYS B 226 29.97 -7.20 -12.89
CA LYS B 226 30.87 -8.11 -12.17
C LYS B 226 32.09 -8.47 -13.01
C ACT C . -24.01 7.85 4.74
O ACT C . -23.51 8.71 3.99
OXT ACT C . -25.21 8.09 5.04
CH3 ACT C . -23.29 6.63 5.25
C ACT D . -5.94 2.05 -0.64
O ACT D . -5.68 0.88 -0.98
OXT ACT D . -6.84 2.18 0.23
CH3 ACT D . -5.22 3.22 -1.23
C1 GOL E . 7.75 4.39 -8.89
O1 GOL E . 8.66 3.36 -9.25
C2 GOL E . 6.78 4.79 -10.00
O2 GOL E . 7.11 4.26 -11.26
C3 GOL E . 6.71 6.30 -10.08
O3 GOL E . 5.66 6.80 -10.87
C ACT F . 17.53 12.27 -13.98
O ACT F . 16.81 12.84 -13.12
OXT ACT F . 17.48 11.02 -14.03
CH3 ACT F . 18.39 13.08 -14.90
#